data_3A2Q
#
_entry.id   3A2Q
#
_cell.length_a   130.660
_cell.length_b   130.660
_cell.length_c   58.630
_cell.angle_alpha   90.00
_cell.angle_beta   90.00
_cell.angle_gamma   120.00
#
_symmetry.space_group_name_H-M   'P 62'
#
loop_
_entity.id
_entity.type
_entity.pdbx_description
1 polymer '6-aminohexanoate-cyclic-dimer hydrolase'
2 non-polymer '6-AMINOHEXANOIC ACID'
3 non-polymer GLYCEROL
4 water water
#
_entity_poly.entity_id   1
_entity_poly.type   'polypeptide(L)'
_entity_poly.pdbx_seq_one_letter_code
;MSKVDLWQDATAQAELVRSGEISRTELLEATIAHVQAVNPEINAVIIPLFEKARRESELASGPFAGVPYLLKDLTVVSQG
DINTSSIKGMKESGYRADHDAYFVQRMRAAGFVLLGKTNTPEMGNQVTTEPEAWGATRNPWNLGRSVGGSSGGSGAAVAA
ALSPVAHGNDAAGAVRIPASVCGVVGLKPTRGRISPGPLVTDSDNVAGAAHEGLFARSVRDIAALLDVVSGHRPGDTFCA
PTASRPYAQGISENPGSLRVGVLTHNPVGDFALDPECAAAARGAAAALAALGHDVNDAYPEALGDRSFLKDYSTICDVAI
AREIERNGELIGRPLTEDDVEWTSWEMVKRADQVTGRAFAACVDELRYYAGKVERWWEAGWDLLILPTVTRQTPEIGELM
LAKGTDLEGRQSAFISGSLQMLAFTVPFNVSGQPAISLPIGMSSDGMPIGVQIVAAYGREDLLLQVAAQLEGALPWVARR
PQLLNPSRKIPAA
;
_entity_poly.pdbx_strand_id   A
#
# COMPACT_ATOMS: atom_id res chain seq x y z
N VAL A 4 6.19 -7.70 27.01
CA VAL A 4 6.28 -8.04 25.56
C VAL A 4 6.68 -6.82 24.73
N ASP A 5 7.82 -6.92 24.07
CA ASP A 5 8.30 -5.83 23.23
C ASP A 5 7.66 -5.96 21.86
N LEU A 6 6.68 -5.11 21.58
CA LEU A 6 5.97 -5.14 20.32
C LEU A 6 6.74 -4.54 19.13
N TRP A 7 7.99 -4.15 19.35
CA TRP A 7 8.78 -3.59 18.27
C TRP A 7 9.46 -4.69 17.46
N GLN A 8 9.24 -5.93 17.87
CA GLN A 8 9.82 -7.09 17.18
C GLN A 8 8.97 -7.32 15.93
N ASP A 9 9.57 -7.80 14.85
CA ASP A 9 8.77 -8.03 13.64
C ASP A 9 7.91 -9.27 13.79
N ALA A 10 7.10 -9.57 12.78
CA ALA A 10 6.21 -10.74 12.83
C ALA A 10 6.95 -12.06 13.01
N THR A 11 8.09 -12.20 12.33
CA THR A 11 8.86 -13.43 12.42
C THR A 11 9.36 -13.65 13.85
N ALA A 12 9.88 -12.59 14.48
CA ALA A 12 10.38 -12.69 15.84
C ALA A 12 9.24 -12.93 16.83
N GLN A 13 8.10 -12.28 16.59
CA GLN A 13 6.95 -12.43 17.48
C GLN A 13 6.38 -13.84 17.40
N ALA A 14 6.45 -14.44 16.22
CA ALA A 14 5.94 -15.79 16.02
C ALA A 14 6.84 -16.76 16.77
N GLU A 15 8.15 -16.51 16.74
CA GLU A 15 9.12 -17.36 17.41
C GLU A 15 8.99 -17.28 18.92
N LEU A 16 8.67 -16.09 19.44
CA LEU A 16 8.52 -15.94 20.88
C LEU A 16 7.37 -16.82 21.37
N VAL A 17 6.37 -16.99 20.51
CA VAL A 17 5.22 -17.82 20.86
C VAL A 17 5.56 -19.30 20.69
N ARG A 18 6.27 -19.62 19.61
CA ARG A 18 6.66 -20.99 19.32
C ARG A 18 7.66 -21.46 20.36
N SER A 19 8.59 -20.56 20.70
CA SER A 19 9.64 -20.83 21.68
C SER A 19 9.07 -21.09 23.06
N GLY A 20 7.94 -20.44 23.35
CA GLY A 20 7.32 -20.60 24.66
C GLY A 20 7.55 -19.39 25.55
N GLU A 21 8.49 -18.55 25.18
CA GLU A 21 8.77 -17.35 25.97
C GLU A 21 7.48 -16.62 26.28
N ILE A 22 6.65 -16.44 25.26
CA ILE A 22 5.37 -15.75 25.41
C ILE A 22 4.20 -16.63 25.00
N SER A 23 3.04 -16.35 25.58
CA SER A 23 1.83 -17.09 25.28
C SER A 23 1.04 -16.36 24.21
N ARG A 24 0.14 -17.05 23.53
CA ARG A 24 -0.67 -16.43 22.48
C ARG A 24 -1.57 -15.37 23.08
N THR A 25 -2.01 -15.59 24.31
CA THR A 25 -2.89 -14.67 25.00
C THR A 25 -2.10 -13.45 25.45
N GLU A 26 -0.87 -13.68 25.90
CA GLU A 26 -0.01 -12.60 26.35
C GLU A 26 0.24 -11.63 25.20
N LEU A 27 0.77 -12.16 24.10
CA LEU A 27 1.06 -11.35 22.92
C LEU A 27 -0.19 -10.60 22.45
N LEU A 28 -1.29 -11.33 22.32
CA LEU A 28 -2.55 -10.75 21.87
C LEU A 28 -3.07 -9.67 22.83
N GLU A 29 -3.11 -10.00 24.12
CA GLU A 29 -3.59 -9.05 25.11
C GLU A 29 -2.64 -7.87 25.27
N ALA A 30 -1.34 -8.13 25.12
CA ALA A 30 -0.35 -7.07 25.21
C ALA A 30 -0.52 -6.15 24.02
N THR A 31 -0.92 -6.73 22.89
CA THR A 31 -1.12 -5.97 21.66
C THR A 31 -2.43 -5.16 21.74
N ILE A 32 -3.49 -5.78 22.25
CA ILE A 32 -4.78 -5.10 22.39
C ILE A 32 -4.66 -3.92 23.35
N ALA A 33 -3.94 -4.12 24.45
CA ALA A 33 -3.77 -3.05 25.43
C ALA A 33 -3.07 -1.87 24.78
N HIS A 34 -2.00 -2.17 24.03
CA HIS A 34 -1.23 -1.14 23.33
C HIS A 34 -2.13 -0.38 22.36
N VAL A 35 -2.97 -1.11 21.63
CA VAL A 35 -3.88 -0.50 20.66
C VAL A 35 -4.83 0.46 21.37
N GLN A 36 -5.40 0.02 22.48
CA GLN A 36 -6.34 0.85 23.24
C GLN A 36 -5.72 2.15 23.74
N ALA A 37 -4.44 2.08 24.09
CA ALA A 37 -3.72 3.25 24.60
C ALA A 37 -3.23 4.23 23.54
N VAL A 38 -2.64 3.70 22.47
CA VAL A 38 -2.08 4.51 21.41
C VAL A 38 -3.01 4.88 20.25
N ASN A 39 -3.85 3.95 19.82
CA ASN A 39 -4.74 4.21 18.70
C ASN A 39 -5.62 5.45 18.81
N PRO A 40 -6.08 5.81 20.03
CA PRO A 40 -6.91 7.00 20.13
C PRO A 40 -6.23 8.25 19.56
N GLU A 41 -4.92 8.30 19.70
CA GLU A 41 -4.16 9.45 19.22
C GLU A 41 -3.97 9.51 17.70
N ILE A 42 -3.96 8.35 17.04
CA ILE A 42 -3.76 8.34 15.60
C ILE A 42 -4.95 7.95 14.73
N ASN A 43 -5.98 7.37 15.33
CA ASN A 43 -7.18 6.97 14.59
C ASN A 43 -6.81 6.09 13.39
N ALA A 44 -5.97 5.09 13.64
CA ALA A 44 -5.50 4.16 12.61
C ALA A 44 -6.45 2.97 12.47
N VAL A 45 -6.70 2.28 13.58
CA VAL A 45 -7.62 1.15 13.58
C VAL A 45 -9.01 1.72 13.82
N ILE A 46 -9.88 1.64 12.82
CA ILE A 46 -11.22 2.19 12.96
C ILE A 46 -12.27 1.16 13.38
N ILE A 47 -11.96 -0.12 13.18
CA ILE A 47 -12.87 -1.19 13.53
C ILE A 47 -12.13 -2.29 14.25
N PRO A 48 -12.03 -2.20 15.59
CA PRO A 48 -11.34 -3.24 16.37
C PRO A 48 -12.11 -4.55 16.30
N LEU A 49 -11.37 -5.65 16.27
CA LEU A 49 -11.97 -6.98 16.21
C LEU A 49 -11.27 -7.85 17.25
N PHE A 50 -11.21 -7.34 18.49
CA PHE A 50 -10.54 -8.05 19.57
C PHE A 50 -11.15 -9.42 19.91
N GLU A 51 -12.48 -9.53 19.84
CA GLU A 51 -13.11 -10.81 20.14
C GLU A 51 -12.75 -11.86 19.09
N LYS A 52 -12.89 -11.52 17.82
CA LYS A 52 -12.54 -12.47 16.77
C LYS A 52 -11.06 -12.83 16.91
N ALA A 53 -10.24 -11.81 17.16
CA ALA A 53 -8.81 -12.02 17.32
C ALA A 53 -8.56 -13.01 18.46
N ARG A 54 -9.40 -12.93 19.48
CA ARG A 54 -9.26 -13.80 20.64
C ARG A 54 -9.69 -15.23 20.35
N ARG A 55 -10.70 -15.39 19.50
CA ARG A 55 -11.18 -16.72 19.14
C ARG A 55 -10.18 -17.40 18.22
N GLU A 56 -9.71 -16.66 17.21
CA GLU A 56 -8.76 -17.20 16.26
C GLU A 56 -7.43 -17.56 16.90
N SER A 57 -7.03 -16.79 17.91
CA SER A 57 -5.76 -17.05 18.60
C SER A 57 -5.72 -18.44 19.23
N GLU A 58 -6.84 -18.85 19.82
CA GLU A 58 -6.90 -20.16 20.45
C GLU A 58 -6.78 -21.28 19.43
N LEU A 59 -7.32 -21.04 18.23
CA LEU A 59 -7.31 -22.04 17.16
C LEU A 59 -6.14 -21.90 16.19
N ALA A 60 -5.54 -20.71 16.13
CA ALA A 60 -4.43 -20.43 15.22
C ALA A 60 -3.34 -21.51 15.18
N SER A 61 -2.82 -21.76 13.98
CA SER A 61 -1.76 -22.75 13.77
C SER A 61 -1.00 -22.44 12.49
N GLY A 62 0.32 -22.59 12.53
CA GLY A 62 1.14 -22.32 11.37
C GLY A 62 2.42 -21.56 11.71
N PRO A 63 3.18 -21.11 10.70
CA PRO A 63 4.43 -20.37 10.90
C PRO A 63 4.29 -19.04 11.63
N PHE A 64 3.06 -18.53 11.74
CA PHE A 64 2.81 -17.27 12.43
C PHE A 64 1.63 -17.39 13.39
N ALA A 65 1.43 -18.57 13.95
CA ALA A 65 0.33 -18.80 14.87
C ALA A 65 0.34 -17.78 16.02
N GLY A 66 -0.77 -17.07 16.18
CA GLY A 66 -0.88 -16.09 17.25
C GLY A 66 -0.48 -14.66 16.92
N VAL A 67 0.17 -14.44 15.78
CA VAL A 67 0.59 -13.10 15.41
C VAL A 67 -0.56 -12.28 14.85
N PRO A 68 -0.81 -11.10 15.43
CA PRO A 68 -1.89 -10.23 14.97
C PRO A 68 -1.54 -9.46 13.70
N TYR A 69 -2.56 -9.12 12.92
CA TYR A 69 -2.37 -8.34 11.70
C TYR A 69 -3.61 -7.49 11.49
N LEU A 70 -3.48 -6.44 10.69
CA LEU A 70 -4.58 -5.54 10.42
C LEU A 70 -4.96 -5.54 8.94
N LEU A 71 -6.25 -5.34 8.70
CA LEU A 71 -6.83 -5.35 7.36
C LEU A 71 -7.43 -4.00 6.98
N LYS A 72 -7.17 -3.54 5.77
CA LYS A 72 -7.72 -2.27 5.30
C LYS A 72 -9.20 -2.49 5.06
N ASP A 73 -10.04 -1.51 5.41
CA ASP A 73 -11.48 -1.66 5.19
C ASP A 73 -11.84 -1.25 3.77
N LEU A 74 -11.23 -1.94 2.81
CA LEU A 74 -11.47 -1.68 1.39
C LEU A 74 -11.07 -2.93 0.59
N THR A 75 -11.88 -3.23 -0.43
CA THR A 75 -11.62 -4.37 -1.31
C THR A 75 -11.83 -5.74 -0.67
N VAL A 76 -10.88 -6.17 0.15
CA VAL A 76 -10.99 -7.47 0.82
C VAL A 76 -11.89 -7.29 2.02
N VAL A 77 -12.67 -8.31 2.34
CA VAL A 77 -13.57 -8.24 3.48
C VAL A 77 -13.44 -9.44 4.39
N SER A 78 -13.94 -9.31 5.62
CA SER A 78 -13.90 -10.38 6.60
C SER A 78 -15.34 -10.73 6.97
N GLN A 79 -15.64 -12.02 7.00
CA GLN A 79 -16.98 -12.52 7.29
C GLN A 79 -17.61 -12.01 8.59
N GLY A 80 -18.82 -11.50 8.49
CA GLY A 80 -19.54 -11.00 9.64
C GLY A 80 -19.09 -9.67 10.22
N ASP A 81 -18.10 -9.04 9.61
CA ASP A 81 -17.60 -7.77 10.13
C ASP A 81 -18.04 -6.55 9.33
N ILE A 82 -18.08 -5.41 10.02
CA ILE A 82 -18.47 -4.14 9.43
C ILE A 82 -17.60 -3.83 8.20
N ASN A 83 -18.22 -3.34 7.13
CA ASN A 83 -17.51 -2.99 5.91
C ASN A 83 -18.05 -1.65 5.41
N THR A 84 -17.27 -0.59 5.58
CA THR A 84 -17.72 0.73 5.17
C THR A 84 -17.04 1.31 3.93
N SER A 85 -15.78 0.95 3.71
CA SER A 85 -15.02 1.48 2.59
C SER A 85 -14.99 2.99 2.75
N SER A 86 -15.21 3.42 3.99
CA SER A 86 -15.24 4.84 4.35
C SER A 86 -16.28 5.66 3.59
N ILE A 87 -17.41 5.02 3.30
CA ILE A 87 -18.52 5.68 2.64
C ILE A 87 -19.51 6.01 3.74
N LYS A 88 -19.84 7.29 3.90
CA LYS A 88 -20.78 7.72 4.94
C LYS A 88 -22.04 6.88 4.89
N GLY A 89 -22.69 6.85 3.73
CA GLY A 89 -23.91 6.09 3.57
C GLY A 89 -23.78 4.62 3.95
N MET A 90 -22.57 4.07 3.84
CA MET A 90 -22.36 2.67 4.19
C MET A 90 -22.09 2.47 5.68
N LYS A 91 -21.41 3.44 6.30
CA LYS A 91 -21.10 3.34 7.72
C LYS A 91 -22.40 3.32 8.53
N GLU A 92 -23.34 4.18 8.14
CA GLU A 92 -24.61 4.29 8.83
C GLU A 92 -25.47 3.03 8.67
N SER A 93 -25.37 2.40 7.50
CA SER A 93 -26.14 1.20 7.20
C SER A 93 -25.78 0.02 8.11
N GLY A 94 -24.59 0.07 8.70
CA GLY A 94 -24.16 -1.01 9.56
C GLY A 94 -23.91 -2.30 8.79
N TYR A 95 -23.78 -2.18 7.47
CA TYR A 95 -23.53 -3.32 6.60
C TYR A 95 -22.35 -4.18 7.08
N ARG A 96 -22.51 -5.50 6.96
CA ARG A 96 -21.45 -6.44 7.34
C ARG A 96 -21.25 -7.42 6.19
N ALA A 97 -20.00 -7.73 5.88
CA ALA A 97 -19.68 -8.66 4.80
C ALA A 97 -20.14 -10.07 5.15
N ASP A 98 -20.49 -10.85 4.14
CA ASP A 98 -20.97 -12.21 4.36
C ASP A 98 -19.93 -13.31 4.11
N HIS A 99 -18.72 -12.92 3.74
CA HIS A 99 -17.68 -13.92 3.49
C HIS A 99 -16.27 -13.40 3.75
N ASP A 100 -15.29 -14.30 3.63
CA ASP A 100 -13.88 -13.97 3.82
C ASP A 100 -13.24 -13.88 2.43
N ALA A 101 -12.39 -12.87 2.22
CA ALA A 101 -11.70 -12.76 0.94
C ALA A 101 -10.62 -13.82 0.99
N TYR A 102 -10.12 -14.24 -0.17
CA TYR A 102 -9.07 -15.25 -0.19
C TYR A 102 -7.89 -14.81 0.66
N PHE A 103 -7.53 -13.53 0.58
CA PHE A 103 -6.42 -12.99 1.36
C PHE A 103 -6.62 -13.29 2.84
N VAL A 104 -7.82 -13.00 3.35
CA VAL A 104 -8.14 -13.22 4.75
C VAL A 104 -8.05 -14.70 5.14
N GLN A 105 -8.54 -15.57 4.28
CA GLN A 105 -8.49 -17.01 4.57
C GLN A 105 -7.05 -17.50 4.64
N ARG A 106 -6.23 -17.03 3.70
CA ARG A 106 -4.82 -17.42 3.63
C ARG A 106 -4.06 -17.01 4.89
N MET A 107 -4.33 -15.80 5.39
CA MET A 107 -3.67 -15.30 6.59
C MET A 107 -4.04 -16.11 7.83
N ARG A 108 -5.32 -16.44 7.97
CA ARG A 108 -5.79 -17.22 9.11
C ARG A 108 -5.19 -18.63 9.10
N ALA A 109 -5.11 -19.23 7.92
CA ALA A 109 -4.55 -20.57 7.79
C ALA A 109 -3.08 -20.57 8.15
N ALA A 110 -2.44 -19.42 7.99
CA ALA A 110 -1.02 -19.27 8.29
C ALA A 110 -0.77 -19.10 9.79
N GLY A 111 -1.82 -18.77 10.53
CA GLY A 111 -1.67 -18.59 11.97
C GLY A 111 -1.87 -17.16 12.46
N PHE A 112 -2.07 -16.23 11.53
CA PHE A 112 -2.28 -14.83 11.88
C PHE A 112 -3.69 -14.65 12.46
N VAL A 113 -3.85 -13.66 13.34
CA VAL A 113 -5.18 -13.41 13.92
C VAL A 113 -5.64 -12.00 13.50
N LEU A 114 -6.86 -11.92 12.97
CA LEU A 114 -7.42 -10.64 12.53
C LEU A 114 -7.74 -9.75 13.72
N LEU A 115 -6.90 -8.74 13.93
CA LEU A 115 -7.06 -7.81 15.05
C LEU A 115 -8.06 -6.69 14.81
N GLY A 116 -8.24 -6.30 13.54
CA GLY A 116 -9.17 -5.23 13.22
C GLY A 116 -8.95 -4.65 11.84
N LYS A 117 -9.71 -3.60 11.52
CA LYS A 117 -9.61 -2.95 10.22
C LYS A 117 -9.03 -1.54 10.34
N THR A 118 -8.33 -1.11 9.30
CA THR A 118 -7.70 0.21 9.28
C THR A 118 -8.40 1.24 8.40
N ASN A 119 -8.22 2.51 8.74
CA ASN A 119 -8.84 3.62 8.03
C ASN A 119 -8.30 3.86 6.63
N THR A 120 -9.15 4.43 5.78
CA THR A 120 -8.83 4.75 4.39
C THR A 120 -9.70 5.90 3.89
N PRO A 121 -9.24 6.63 2.87
CA PRO A 121 -10.09 7.72 2.38
C PRO A 121 -11.26 6.99 1.70
N GLU A 122 -12.37 7.67 1.48
CA GLU A 122 -13.52 7.02 0.86
C GLU A 122 -13.22 6.27 -0.44
N MET A 123 -13.48 4.96 -0.43
CA MET A 123 -13.25 4.11 -1.58
C MET A 123 -11.80 4.21 -2.07
N GLY A 124 -10.91 4.63 -1.18
CA GLY A 124 -9.49 4.77 -1.51
C GLY A 124 -9.20 5.84 -2.55
N ASN A 125 -10.05 6.85 -2.61
CA ASN A 125 -9.91 7.89 -3.60
C ASN A 125 -9.00 9.08 -3.28
N GLN A 126 -8.05 8.91 -2.37
CA GLN A 126 -7.13 10.01 -2.03
C GLN A 126 -5.77 9.45 -1.61
N VAL A 127 -4.75 10.31 -1.61
CA VAL A 127 -3.41 9.89 -1.17
C VAL A 127 -3.11 10.41 0.23
N THR A 128 -4.19 10.66 0.98
CA THR A 128 -4.08 11.05 2.37
C THR A 128 -5.25 10.27 2.96
N THR A 129 -5.27 10.09 4.28
CA THR A 129 -6.32 9.30 4.91
C THR A 129 -7.12 10.17 5.88
N GLU A 130 -8.02 10.97 5.32
CA GLU A 130 -8.85 11.88 6.10
C GLU A 130 -10.30 11.84 5.60
N PRO A 131 -10.93 10.66 5.71
CA PRO A 131 -12.32 10.48 5.26
C PRO A 131 -13.29 11.22 6.18
N GLU A 132 -14.39 11.70 5.62
CA GLU A 132 -15.41 12.39 6.41
C GLU A 132 -16.05 11.39 7.36
N ALA A 133 -16.20 10.15 6.89
CA ALA A 133 -16.82 9.09 7.66
C ALA A 133 -16.14 8.70 8.97
N TRP A 134 -14.82 8.56 8.97
CA TRP A 134 -14.11 8.16 10.18
C TRP A 134 -13.16 9.20 10.77
N GLY A 135 -12.93 10.29 10.06
CA GLY A 135 -12.02 11.29 10.56
C GLY A 135 -10.62 10.99 10.07
N ALA A 136 -9.70 11.93 10.25
CA ALA A 136 -8.33 11.76 9.79
C ALA A 136 -7.49 10.80 10.60
N THR A 137 -6.61 10.09 9.91
CA THR A 137 -5.67 9.20 10.59
C THR A 137 -4.44 10.10 10.67
N ARG A 138 -3.82 10.15 11.84
CA ARG A 138 -2.66 11.01 12.05
C ARG A 138 -1.34 10.24 12.11
N ASN A 139 -0.27 10.93 11.73
CA ASN A 139 1.05 10.33 11.69
C ASN A 139 1.72 10.18 13.06
N PRO A 140 2.09 8.94 13.42
CA PRO A 140 2.75 8.64 14.70
C PRO A 140 4.04 9.44 14.89
N TRP A 141 4.66 9.83 13.79
CA TRP A 141 5.90 10.59 13.85
C TRP A 141 5.64 12.07 14.13
N ASN A 142 4.44 12.53 13.75
CA ASN A 142 4.03 13.92 13.95
C ASN A 142 2.52 13.96 13.74
N LEU A 143 1.77 14.04 14.85
CA LEU A 143 0.31 14.04 14.81
C LEU A 143 -0.37 15.11 13.94
N GLY A 144 0.38 16.14 13.57
CA GLY A 144 -0.21 17.17 12.73
C GLY A 144 0.02 16.88 11.27
N ARG A 145 0.63 15.73 10.97
CA ARG A 145 0.93 15.35 9.59
C ARG A 145 0.09 14.19 9.07
N SER A 146 -0.08 14.16 7.75
CA SER A 146 -0.81 13.11 7.07
C SER A 146 -0.03 11.79 7.18
N VAL A 147 -0.69 10.69 6.86
CA VAL A 147 -0.05 9.37 6.89
C VAL A 147 -0.02 8.82 5.47
N GLY A 148 -0.31 9.68 4.50
CA GLY A 148 -0.34 9.24 3.12
C GLY A 148 -1.63 8.49 2.90
N GLY A 149 -1.80 7.86 1.75
CA GLY A 149 -3.02 7.11 1.49
C GLY A 149 -2.88 6.31 0.21
N SER A 150 -3.87 5.48 -0.11
CA SER A 150 -5.09 5.33 0.69
C SER A 150 -4.99 4.36 1.86
N SER A 151 -3.95 3.52 1.89
CA SER A 151 -3.80 2.56 2.99
C SER A 151 -3.13 3.22 4.19
N GLY A 152 -3.49 4.48 4.46
CA GLY A 152 -2.90 5.22 5.56
C GLY A 152 -3.05 4.62 6.94
N GLY A 153 -4.20 4.00 7.21
CA GLY A 153 -4.41 3.39 8.50
C GLY A 153 -3.48 2.23 8.77
N SER A 154 -3.25 1.41 7.75
CA SER A 154 -2.37 0.25 7.91
C SER A 154 -0.93 0.72 8.08
N GLY A 155 -0.52 1.71 7.29
CA GLY A 155 0.83 2.21 7.40
C GLY A 155 1.12 2.75 8.80
N ALA A 156 0.20 3.58 9.30
CA ALA A 156 0.34 4.18 10.62
C ALA A 156 0.30 3.11 11.71
N ALA A 157 -0.60 2.15 11.56
CA ALA A 157 -0.75 1.08 12.53
C ALA A 157 0.57 0.33 12.74
N VAL A 158 1.19 -0.06 11.63
CA VAL A 158 2.47 -0.77 11.70
C VAL A 158 3.58 0.11 12.27
N ALA A 159 3.55 1.39 11.90
CA ALA A 159 4.57 2.32 12.38
C ALA A 159 4.46 2.51 13.90
N ALA A 160 3.26 2.36 14.43
CA ALA A 160 3.01 2.53 15.86
C ALA A 160 2.95 1.20 16.60
N ALA A 161 3.36 0.13 15.92
CA ALA A 161 3.38 -1.21 16.51
C ALA A 161 2.03 -1.76 16.96
N LEU A 162 0.95 -1.34 16.31
CA LEU A 162 -0.37 -1.86 16.67
C LEU A 162 -0.47 -3.28 16.12
N SER A 163 0.48 -3.61 15.25
CA SER A 163 0.60 -4.93 14.62
C SER A 163 1.93 -4.92 13.86
N PRO A 164 2.57 -6.09 13.73
CA PRO A 164 3.86 -6.16 13.03
C PRO A 164 3.71 -6.15 11.51
N VAL A 165 2.51 -6.49 11.02
CA VAL A 165 2.23 -6.51 9.60
C VAL A 165 0.79 -6.13 9.33
N ALA A 166 0.51 -5.68 8.12
CA ALA A 166 -0.84 -5.27 7.75
C ALA A 166 -1.06 -5.33 6.26
N HIS A 167 -2.32 -5.35 5.87
CA HIS A 167 -2.72 -5.39 4.48
C HIS A 167 -3.12 -4.00 3.98
N GLY A 168 -3.13 -3.86 2.67
CA GLY A 168 -3.53 -2.62 2.04
C GLY A 168 -3.57 -2.88 0.55
N ASN A 169 -4.00 -1.90 -0.24
CA ASN A 169 -3.98 -2.08 -1.68
C ASN A 169 -3.32 -0.87 -2.30
N ASP A 170 -2.97 -0.98 -3.56
CA ASP A 170 -2.20 0.05 -4.23
C ASP A 170 -2.60 0.19 -5.70
N ALA A 171 -3.20 1.31 -6.05
CA ALA A 171 -3.63 1.58 -7.43
C ALA A 171 -2.81 2.70 -8.07
N ALA A 172 -2.25 3.56 -7.23
CA ALA A 172 -1.42 4.67 -7.70
C ALA A 172 -0.28 4.91 -6.70
N GLY A 173 -0.14 3.98 -5.76
CA GLY A 173 0.89 4.06 -4.73
C GLY A 173 0.34 3.92 -3.32
N ALA A 174 -0.94 3.54 -3.19
CA ALA A 174 -1.61 3.42 -1.90
C ALA A 174 -0.99 2.55 -0.80
N VAL A 175 0.00 1.74 -1.13
CA VAL A 175 0.68 0.97 -0.08
C VAL A 175 2.06 1.60 0.10
N ARG A 176 2.74 1.85 -1.01
CA ARG A 176 4.06 2.45 -0.97
C ARG A 176 4.08 3.86 -0.38
N ILE A 177 3.09 4.67 -0.71
CA ILE A 177 3.04 6.04 -0.19
C ILE A 177 2.91 6.05 1.35
N PRO A 178 1.90 5.36 1.91
CA PRO A 178 1.77 5.35 3.37
C PRO A 178 3.02 4.77 4.04
N ALA A 179 3.67 3.81 3.38
CA ALA A 179 4.88 3.21 3.93
C ALA A 179 5.99 4.26 3.98
N SER A 180 6.16 5.01 2.90
CA SER A 180 7.18 6.05 2.85
C SER A 180 6.93 7.10 3.93
N VAL A 181 5.69 7.58 3.98
CA VAL A 181 5.29 8.61 4.94
C VAL A 181 5.33 8.17 6.40
N CYS A 182 5.09 6.88 6.65
CA CYS A 182 5.07 6.36 8.01
C CYS A 182 6.31 5.59 8.46
N GLY A 183 7.33 5.53 7.59
CA GLY A 183 8.55 4.85 7.98
C GLY A 183 8.51 3.34 8.14
N VAL A 184 7.78 2.67 7.27
CA VAL A 184 7.70 1.20 7.32
C VAL A 184 7.94 0.66 5.92
N VAL A 185 8.02 -0.65 5.78
CA VAL A 185 8.22 -1.27 4.48
C VAL A 185 6.87 -1.52 3.82
N GLY A 186 6.73 -1.07 2.57
CA GLY A 186 5.49 -1.26 1.85
C GLY A 186 5.75 -1.82 0.48
N LEU A 187 5.19 -3.00 0.18
CA LEU A 187 5.40 -3.61 -1.12
C LEU A 187 4.16 -3.76 -1.97
N LYS A 188 4.27 -3.30 -3.23
CA LYS A 188 3.21 -3.50 -4.22
C LYS A 188 3.85 -4.58 -5.08
N PRO A 189 3.39 -5.84 -4.94
CA PRO A 189 3.98 -6.91 -5.75
C PRO A 189 3.63 -6.81 -7.22
N THR A 190 4.13 -7.78 -7.98
CA THR A 190 3.86 -7.85 -9.41
C THR A 190 2.35 -8.01 -9.57
N ARG A 191 1.81 -7.43 -10.63
CA ARG A 191 0.37 -7.55 -10.89
C ARG A 191 0.02 -9.04 -10.97
N GLY A 192 -1.05 -9.43 -10.30
CA GLY A 192 -1.47 -10.82 -10.33
C GLY A 192 -0.77 -11.73 -9.32
N ARG A 193 0.00 -11.15 -8.41
CA ARG A 193 0.71 -11.95 -7.40
C ARG A 193 -0.25 -12.33 -6.27
N ILE A 194 -0.98 -11.34 -5.77
CA ILE A 194 -1.92 -11.56 -4.66
C ILE A 194 -3.36 -11.42 -5.10
N SER A 195 -4.16 -12.45 -4.84
CA SER A 195 -5.57 -12.41 -5.22
C SER A 195 -6.42 -11.49 -4.36
N PRO A 196 -7.26 -10.66 -5.01
CA PRO A 196 -8.17 -9.72 -4.32
C PRO A 196 -9.57 -10.32 -4.32
N GLY A 197 -9.69 -11.56 -4.80
CA GLY A 197 -10.98 -12.23 -4.88
C GLY A 197 -11.48 -12.85 -3.59
N PRO A 198 -12.59 -13.61 -3.64
CA PRO A 198 -13.41 -13.92 -4.82
C PRO A 198 -14.18 -12.76 -5.47
N LEU A 199 -14.32 -11.64 -4.76
CA LEU A 199 -15.02 -10.50 -5.33
C LEU A 199 -14.24 -9.91 -6.51
N VAL A 200 -14.97 -9.20 -7.37
CA VAL A 200 -14.39 -8.52 -8.51
C VAL A 200 -14.83 -7.07 -8.30
N THR A 201 -13.93 -6.25 -7.78
CA THR A 201 -14.26 -4.87 -7.50
C THR A 201 -13.46 -3.86 -8.30
N ASP A 202 -13.94 -2.62 -8.30
CA ASP A 202 -13.29 -1.51 -8.97
C ASP A 202 -13.11 -1.64 -10.48
N SER A 203 -14.00 -2.38 -11.13
CA SER A 203 -13.93 -2.59 -12.58
C SER A 203 -12.64 -3.32 -12.94
N ASP A 204 -12.61 -4.60 -12.57
CA ASP A 204 -11.46 -5.46 -12.80
C ASP A 204 -10.23 -4.85 -12.14
N ASN A 205 -10.41 -4.42 -10.89
CA ASN A 205 -9.34 -3.81 -10.09
C ASN A 205 -8.65 -2.69 -10.86
N VAL A 206 -9.47 -1.76 -11.33
CA VAL A 206 -9.02 -0.60 -12.09
C VAL A 206 -8.18 -1.06 -13.28
N ALA A 207 -8.75 -1.98 -14.04
CA ALA A 207 -8.10 -2.53 -15.23
C ALA A 207 -6.72 -3.10 -14.93
N GLY A 208 -6.56 -3.63 -13.72
CA GLY A 208 -5.29 -4.21 -13.33
C GLY A 208 -4.32 -3.29 -12.61
N ALA A 209 -4.65 -2.01 -12.52
CA ALA A 209 -3.77 -1.07 -11.83
C ALA A 209 -3.79 -1.22 -10.33
N ALA A 210 -4.92 -1.68 -9.77
CA ALA A 210 -5.04 -1.88 -8.32
C ALA A 210 -4.48 -3.24 -7.90
N HIS A 211 -3.46 -3.20 -7.04
CA HIS A 211 -2.80 -4.41 -6.54
C HIS A 211 -2.97 -4.51 -5.03
N GLU A 212 -3.13 -5.73 -4.50
CA GLU A 212 -3.18 -5.88 -3.05
C GLU A 212 -1.72 -5.83 -2.65
N GLY A 213 -1.43 -5.20 -1.50
CA GLY A 213 -0.06 -5.06 -1.05
C GLY A 213 0.19 -5.43 0.39
N LEU A 214 1.43 -5.27 0.83
CA LEU A 214 1.83 -5.67 2.18
C LEU A 214 2.67 -4.64 2.93
N PHE A 215 2.45 -4.58 4.24
CA PHE A 215 3.16 -3.68 5.15
C PHE A 215 3.89 -4.50 6.22
N ALA A 216 5.10 -4.06 6.57
CA ALA A 216 5.91 -4.71 7.60
C ALA A 216 7.08 -3.79 7.98
N ARG A 217 7.86 -4.19 8.97
CA ARG A 217 9.01 -3.40 9.38
C ARG A 217 10.33 -4.09 9.02
N SER A 218 10.25 -5.28 8.44
CA SER A 218 11.45 -6.01 8.03
C SER A 218 11.24 -6.62 6.66
N VAL A 219 12.32 -6.82 5.93
CA VAL A 219 12.21 -7.40 4.59
C VAL A 219 11.84 -8.88 4.68
N ARG A 220 12.27 -9.56 5.74
CA ARG A 220 11.95 -10.98 5.86
C ARG A 220 10.46 -11.17 6.10
N ASP A 221 9.84 -10.22 6.80
CA ASP A 221 8.40 -10.31 7.06
C ASP A 221 7.63 -10.21 5.74
N ILE A 222 8.09 -9.37 4.83
CA ILE A 222 7.43 -9.21 3.53
C ILE A 222 7.56 -10.52 2.74
N ALA A 223 8.75 -11.08 2.72
CA ALA A 223 8.99 -12.32 2.00
C ALA A 223 8.07 -13.43 2.52
N ALA A 224 7.96 -13.54 3.84
CA ALA A 224 7.11 -14.57 4.44
C ALA A 224 5.63 -14.34 4.11
N LEU A 225 5.20 -13.09 4.10
CA LEU A 225 3.81 -12.75 3.78
C LEU A 225 3.47 -13.15 2.35
N LEU A 226 4.40 -12.93 1.44
CA LEU A 226 4.19 -13.28 0.03
C LEU A 226 3.97 -14.78 -0.10
N ASP A 227 4.73 -15.57 0.67
CA ASP A 227 4.58 -17.01 0.60
C ASP A 227 3.21 -17.44 1.12
N VAL A 228 2.62 -16.59 1.96
CA VAL A 228 1.31 -16.89 2.52
C VAL A 228 0.12 -16.53 1.64
N VAL A 229 0.14 -15.32 1.06
CA VAL A 229 -0.99 -14.87 0.26
C VAL A 229 -0.90 -14.86 -1.25
N SER A 230 0.20 -15.34 -1.81
CA SER A 230 0.36 -15.35 -3.26
C SER A 230 -0.23 -16.57 -3.98
N GLY A 231 -0.33 -16.49 -5.30
CA GLY A 231 -0.85 -17.60 -6.09
C GLY A 231 -2.16 -17.34 -6.80
N HIS A 232 -2.35 -18.01 -7.93
CA HIS A 232 -3.57 -17.85 -8.73
C HIS A 232 -4.78 -18.52 -8.07
N ARG A 233 -5.88 -17.77 -7.97
CA ARG A 233 -7.11 -18.29 -7.39
C ARG A 233 -8.18 -18.22 -8.48
N PRO A 234 -9.26 -19.00 -8.33
CA PRO A 234 -10.34 -19.01 -9.33
C PRO A 234 -10.89 -17.61 -9.67
N GLY A 235 -10.88 -17.27 -10.95
CA GLY A 235 -11.40 -15.99 -11.37
C GLY A 235 -10.39 -14.86 -11.43
N ASP A 236 -9.23 -15.02 -10.79
CA ASP A 236 -8.22 -13.97 -10.84
C ASP A 236 -7.94 -13.60 -12.29
N THR A 237 -8.01 -12.29 -12.58
CA THR A 237 -7.79 -11.83 -13.93
C THR A 237 -6.32 -11.89 -14.34
N PHE A 238 -5.47 -11.42 -13.44
CA PHE A 238 -4.05 -11.37 -13.70
C PHE A 238 -3.29 -12.45 -12.96
N CYS A 239 -2.09 -12.74 -13.45
CA CYS A 239 -1.24 -13.75 -12.84
C CYS A 239 0.21 -13.32 -12.99
N ALA A 240 1.05 -13.69 -12.03
CA ALA A 240 2.46 -13.31 -12.09
C ALA A 240 3.31 -14.56 -12.29
N PRO A 241 4.54 -14.39 -12.82
CA PRO A 241 5.47 -15.50 -13.05
C PRO A 241 5.77 -16.21 -11.73
N THR A 242 5.87 -17.52 -11.77
CA THR A 242 6.12 -18.33 -10.59
C THR A 242 7.59 -18.37 -10.16
N ALA A 243 7.82 -18.26 -8.87
CA ALA A 243 9.17 -18.30 -8.33
C ALA A 243 9.52 -19.77 -8.13
N SER A 244 10.80 -20.10 -8.24
CA SER A 244 11.24 -21.49 -8.10
C SER A 244 11.36 -21.91 -6.64
N ARG A 245 11.52 -20.94 -5.75
CA ARG A 245 11.68 -21.20 -4.33
C ARG A 245 10.82 -20.23 -3.52
N PRO A 246 10.47 -20.61 -2.27
CA PRO A 246 9.65 -19.69 -1.47
C PRO A 246 10.48 -18.43 -1.21
N TYR A 247 9.83 -17.28 -1.15
CA TYR A 247 10.56 -16.03 -0.92
C TYR A 247 11.33 -15.97 0.39
N ALA A 248 10.80 -16.59 1.44
CA ALA A 248 11.48 -16.58 2.72
C ALA A 248 12.85 -17.26 2.61
N GLN A 249 13.01 -18.11 1.61
CA GLN A 249 14.26 -18.82 1.39
C GLN A 249 15.22 -18.08 0.45
N GLY A 250 14.69 -17.52 -0.61
CA GLY A 250 15.52 -16.81 -1.58
C GLY A 250 16.05 -15.45 -1.17
N ILE A 251 15.41 -14.83 -0.19
CA ILE A 251 15.81 -13.51 0.29
C ILE A 251 17.28 -13.41 0.69
N SER A 252 17.88 -14.53 1.12
CA SER A 252 19.27 -14.52 1.54
C SER A 252 20.27 -14.86 0.44
N GLU A 253 19.77 -15.20 -0.73
CA GLU A 253 20.64 -15.54 -1.85
C GLU A 253 21.32 -14.30 -2.42
N ASN A 254 22.57 -14.46 -2.85
CA ASN A 254 23.33 -13.34 -3.40
C ASN A 254 22.97 -13.18 -4.88
N PRO A 255 22.33 -12.05 -5.23
CA PRO A 255 21.93 -11.77 -6.61
C PRO A 255 23.09 -11.40 -7.51
N GLY A 256 24.23 -11.06 -6.91
CA GLY A 256 25.39 -10.68 -7.70
C GLY A 256 25.32 -9.20 -8.04
N SER A 257 26.22 -8.75 -8.91
CA SER A 257 26.26 -7.35 -9.32
C SER A 257 25.18 -7.08 -10.37
N LEU A 258 24.21 -6.26 -10.01
CA LEU A 258 23.11 -5.92 -10.92
C LEU A 258 23.27 -4.55 -11.55
N ARG A 259 22.63 -4.36 -12.71
CA ARG A 259 22.66 -3.08 -13.40
C ARG A 259 21.60 -2.24 -12.70
N VAL A 260 22.03 -1.19 -12.01
CA VAL A 260 21.11 -0.32 -11.28
C VAL A 260 21.09 1.09 -11.83
N GLY A 261 19.89 1.61 -12.03
CA GLY A 261 19.75 2.97 -12.51
C GLY A 261 19.13 3.77 -11.38
N VAL A 262 19.61 4.99 -11.14
CA VAL A 262 19.06 5.80 -10.06
C VAL A 262 18.49 7.09 -10.64
N LEU A 263 17.33 7.49 -10.12
CA LEU A 263 16.65 8.69 -10.55
C LEU A 263 16.56 9.68 -9.39
N THR A 264 17.14 10.87 -9.57
CA THR A 264 17.10 11.86 -8.50
C THR A 264 16.60 13.25 -8.94
N HIS A 265 15.70 13.25 -9.92
CA HIS A 265 15.07 14.48 -10.39
C HIS A 265 13.73 14.05 -10.95
N ASN A 266 12.84 15.01 -11.19
CA ASN A 266 11.53 14.69 -11.76
C ASN A 266 11.66 14.76 -13.28
N PRO A 267 11.71 13.59 -13.95
CA PRO A 267 11.85 13.54 -15.40
C PRO A 267 10.75 14.19 -16.21
N VAL A 268 9.59 14.39 -15.60
CA VAL A 268 8.48 15.03 -16.29
C VAL A 268 8.72 16.52 -16.37
N GLY A 269 9.42 17.06 -15.36
CA GLY A 269 9.75 18.47 -15.35
C GLY A 269 8.63 19.42 -14.97
N ASP A 270 7.53 18.89 -14.42
CA ASP A 270 6.41 19.73 -14.05
C ASP A 270 6.40 20.18 -12.58
N PHE A 271 7.44 19.80 -11.85
CA PHE A 271 7.63 20.21 -10.46
C PHE A 271 9.01 19.73 -10.04
N ALA A 272 9.60 20.38 -9.05
CA ALA A 272 10.94 20.01 -8.61
C ALA A 272 10.92 18.93 -7.54
N LEU A 273 11.72 17.90 -7.73
CA LEU A 273 11.79 16.83 -6.76
C LEU A 273 12.40 17.42 -5.49
N ASP A 274 11.75 17.17 -4.35
CA ASP A 274 12.25 17.65 -3.06
C ASP A 274 13.69 17.16 -2.86
N PRO A 275 14.62 18.07 -2.56
CA PRO A 275 16.04 17.74 -2.34
C PRO A 275 16.29 16.63 -1.31
N GLU A 276 15.53 16.62 -0.22
CA GLU A 276 15.73 15.61 0.80
C GLU A 276 15.28 14.25 0.33
N CYS A 277 14.20 14.21 -0.46
CA CYS A 277 13.73 12.95 -1.01
C CYS A 277 14.79 12.42 -1.99
N ALA A 278 15.32 13.31 -2.81
CA ALA A 278 16.34 12.94 -3.78
C ALA A 278 17.61 12.44 -3.10
N ALA A 279 18.00 13.11 -2.02
CA ALA A 279 19.22 12.72 -1.30
C ALA A 279 19.11 11.34 -0.65
N ALA A 280 17.92 10.96 -0.23
CA ALA A 280 17.70 9.66 0.40
C ALA A 280 17.93 8.57 -0.64
N ALA A 281 17.39 8.79 -1.84
CA ALA A 281 17.55 7.82 -2.92
C ALA A 281 19.02 7.77 -3.33
N ARG A 282 19.66 8.94 -3.41
CA ARG A 282 21.07 9.00 -3.79
C ARG A 282 21.90 8.21 -2.76
N GLY A 283 21.60 8.40 -1.49
CA GLY A 283 22.31 7.70 -0.43
C GLY A 283 22.17 6.20 -0.55
N ALA A 284 20.99 5.72 -0.92
CA ALA A 284 20.75 4.29 -1.07
C ALA A 284 21.53 3.77 -2.27
N ALA A 285 21.59 4.59 -3.32
CA ALA A 285 22.32 4.23 -4.53
C ALA A 285 23.81 4.09 -4.22
N ALA A 286 24.32 4.98 -3.38
CA ALA A 286 25.73 4.94 -3.00
C ALA A 286 26.01 3.66 -2.23
N ALA A 287 25.07 3.27 -1.37
CA ALA A 287 25.24 2.05 -0.58
C ALA A 287 25.24 0.83 -1.49
N LEU A 288 24.45 0.86 -2.56
CA LEU A 288 24.43 -0.26 -3.49
C LEU A 288 25.74 -0.32 -4.26
N ALA A 289 26.30 0.85 -4.59
CA ALA A 289 27.57 0.91 -5.29
C ALA A 289 28.64 0.28 -4.41
N ALA A 290 28.61 0.63 -3.12
CA ALA A 290 29.56 0.10 -2.16
C ALA A 290 29.43 -1.42 -2.04
N LEU A 291 28.23 -1.92 -2.31
CA LEU A 291 27.97 -3.35 -2.24
C LEU A 291 28.44 -4.09 -3.49
N GLY A 292 28.91 -3.33 -4.47
CA GLY A 292 29.41 -3.94 -5.69
C GLY A 292 28.54 -3.86 -6.93
N HIS A 293 27.33 -3.33 -6.80
CA HIS A 293 26.45 -3.23 -7.96
C HIS A 293 26.95 -2.19 -8.95
N ASP A 294 26.48 -2.28 -10.20
CA ASP A 294 26.87 -1.35 -11.23
C ASP A 294 25.81 -0.25 -11.23
N VAL A 295 26.01 0.75 -10.38
CA VAL A 295 25.08 1.85 -10.22
C VAL A 295 25.36 3.03 -11.15
N ASN A 296 24.33 3.49 -11.85
CA ASN A 296 24.46 4.59 -12.80
C ASN A 296 23.25 5.51 -12.76
N ASP A 297 23.44 6.76 -13.20
CA ASP A 297 22.32 7.68 -13.26
C ASP A 297 21.59 7.37 -14.57
N ALA A 298 20.48 6.65 -14.44
CA ALA A 298 19.70 6.26 -15.62
C ALA A 298 18.30 5.90 -15.19
N TYR A 299 17.37 5.98 -16.12
CA TYR A 299 15.98 5.67 -15.83
C TYR A 299 15.21 5.47 -17.12
N PRO A 300 14.05 4.78 -17.03
CA PRO A 300 13.23 4.54 -18.23
C PRO A 300 12.77 5.89 -18.80
N GLU A 301 13.03 6.14 -20.07
CA GLU A 301 12.63 7.43 -20.63
C GLU A 301 11.12 7.62 -20.56
N ALA A 302 10.38 6.53 -20.47
CA ALA A 302 8.93 6.59 -20.38
C ALA A 302 8.51 7.37 -19.14
N LEU A 303 9.36 7.39 -18.12
CA LEU A 303 9.04 8.12 -16.90
C LEU A 303 8.97 9.62 -17.12
N GLY A 304 9.48 10.08 -18.26
CA GLY A 304 9.44 11.50 -18.57
C GLY A 304 8.10 11.93 -19.11
N ASP A 305 7.20 10.95 -19.24
CA ASP A 305 5.88 11.19 -19.78
C ASP A 305 4.80 10.72 -18.81
N ARG A 306 3.80 11.56 -18.56
CA ARG A 306 2.73 11.17 -17.66
C ARG A 306 1.40 11.40 -18.37
N SER A 307 1.43 11.39 -19.70
CA SER A 307 0.23 11.58 -20.51
C SER A 307 -0.83 10.53 -20.17
N PHE A 308 -0.37 9.34 -19.83
CA PHE A 308 -1.25 8.23 -19.49
C PHE A 308 -2.19 8.52 -18.32
N LEU A 309 -1.77 9.41 -17.43
CA LEU A 309 -2.59 9.71 -16.27
C LEU A 309 -3.98 10.22 -16.63
N LYS A 310 -4.09 10.89 -17.78
CA LYS A 310 -5.38 11.39 -18.22
C LYS A 310 -6.31 10.21 -18.49
N ASP A 311 -5.76 9.22 -19.19
CA ASP A 311 -6.49 8.00 -19.54
C ASP A 311 -6.83 7.21 -18.29
N TYR A 312 -5.89 7.18 -17.35
CA TYR A 312 -6.09 6.46 -16.10
C TYR A 312 -7.22 7.10 -15.30
N SER A 313 -7.27 8.42 -15.31
CA SER A 313 -8.30 9.17 -14.59
C SER A 313 -9.69 8.81 -15.10
N THR A 314 -9.82 8.69 -16.41
CA THR A 314 -11.10 8.34 -17.02
C THR A 314 -11.56 6.97 -16.54
N ILE A 315 -10.63 6.02 -16.48
CA ILE A 315 -10.96 4.68 -16.01
C ILE A 315 -11.38 4.77 -14.55
N CYS A 316 -10.67 5.59 -13.78
CA CYS A 316 -10.99 5.76 -12.37
C CYS A 316 -12.39 6.35 -12.16
N ASP A 317 -12.80 7.27 -13.05
CA ASP A 317 -14.14 7.85 -12.93
C ASP A 317 -15.18 6.74 -13.00
N VAL A 318 -15.01 5.86 -13.97
CA VAL A 318 -15.92 4.74 -14.18
C VAL A 318 -15.90 3.76 -13.02
N ALA A 319 -14.71 3.47 -12.51
CA ALA A 319 -14.56 2.53 -11.40
C ALA A 319 -15.25 3.01 -10.12
N ILE A 320 -15.06 4.27 -9.75
CA ILE A 320 -15.69 4.79 -8.54
C ILE A 320 -17.20 4.84 -8.74
N ALA A 321 -17.62 5.28 -9.91
CA ALA A 321 -19.04 5.37 -10.24
C ALA A 321 -19.72 4.02 -10.07
N ARG A 322 -19.10 2.98 -10.60
CA ARG A 322 -19.67 1.64 -10.51
C ARG A 322 -19.52 1.07 -9.11
N GLU A 323 -18.53 1.55 -8.37
CA GLU A 323 -18.30 1.08 -7.01
C GLU A 323 -19.40 1.64 -6.09
N ILE A 324 -19.81 2.87 -6.38
CA ILE A 324 -20.88 3.51 -5.61
C ILE A 324 -22.14 2.67 -5.82
N GLU A 325 -22.30 2.20 -7.06
CA GLU A 325 -23.43 1.38 -7.43
C GLU A 325 -23.37 0.02 -6.73
N ARG A 326 -22.19 -0.58 -6.72
CA ARG A 326 -22.01 -1.89 -6.07
C ARG A 326 -22.32 -1.84 -4.58
N ASN A 327 -21.86 -0.78 -3.91
CA ASN A 327 -22.10 -0.66 -2.49
C ASN A 327 -23.59 -0.41 -2.22
N GLY A 328 -24.24 0.31 -3.13
CA GLY A 328 -25.66 0.57 -2.97
C GLY A 328 -26.41 -0.76 -2.95
N GLU A 329 -26.04 -1.65 -3.87
CA GLU A 329 -26.69 -2.96 -3.95
C GLU A 329 -26.48 -3.77 -2.68
N LEU A 330 -25.31 -3.61 -2.06
CA LEU A 330 -25.01 -4.34 -0.83
C LEU A 330 -26.00 -4.06 0.29
N ILE A 331 -26.50 -2.84 0.36
CA ILE A 331 -27.46 -2.48 1.39
C ILE A 331 -28.90 -2.50 0.92
N GLY A 332 -29.10 -2.60 -0.39
CA GLY A 332 -30.45 -2.65 -0.93
C GLY A 332 -31.05 -1.36 -1.43
N ARG A 333 -30.26 -0.28 -1.47
CA ARG A 333 -30.78 1.00 -1.94
C ARG A 333 -29.68 1.79 -2.64
N PRO A 334 -30.04 2.54 -3.69
CA PRO A 334 -29.05 3.33 -4.43
C PRO A 334 -28.44 4.37 -3.50
N LEU A 335 -27.19 4.73 -3.75
CA LEU A 335 -26.52 5.74 -2.94
C LEU A 335 -26.71 7.08 -3.63
N THR A 336 -26.85 8.14 -2.85
CA THR A 336 -27.07 9.47 -3.39
C THR A 336 -25.92 10.40 -3.03
N GLU A 337 -25.96 11.60 -3.61
CA GLU A 337 -24.95 12.61 -3.37
C GLU A 337 -24.77 12.91 -1.89
N ASP A 338 -25.67 12.37 -1.07
CA ASP A 338 -25.62 12.60 0.37
C ASP A 338 -24.97 11.44 1.12
N ASP A 339 -24.68 10.36 0.42
CA ASP A 339 -24.08 9.18 1.02
C ASP A 339 -22.56 9.15 0.89
N VAL A 340 -22.03 9.89 -0.08
CA VAL A 340 -20.60 9.92 -0.33
C VAL A 340 -20.03 11.34 -0.27
N GLU A 341 -18.72 11.45 -0.44
CA GLU A 341 -18.06 12.75 -0.42
C GLU A 341 -18.28 13.42 -1.77
N TRP A 342 -18.23 14.75 -1.80
CA TRP A 342 -18.47 15.46 -3.06
C TRP A 342 -17.52 15.08 -4.19
N THR A 343 -16.27 14.80 -3.85
CA THR A 343 -15.30 14.42 -4.87
C THR A 343 -15.73 13.14 -5.58
N SER A 344 -16.28 12.20 -4.81
CA SER A 344 -16.74 10.94 -5.37
C SER A 344 -17.97 11.11 -6.26
N TRP A 345 -18.95 11.87 -5.79
CA TRP A 345 -20.16 12.06 -6.55
C TRP A 345 -19.87 12.70 -7.91
N GLU A 346 -18.89 13.60 -7.96
CA GLU A 346 -18.56 14.26 -9.21
C GLU A 346 -18.14 13.26 -10.28
N MET A 347 -17.55 12.15 -9.86
CA MET A 347 -17.09 11.11 -10.78
C MET A 347 -18.27 10.35 -11.39
N VAL A 348 -19.40 10.36 -10.70
CA VAL A 348 -20.60 9.68 -11.19
C VAL A 348 -21.03 10.34 -12.49
N LYS A 349 -21.04 11.68 -12.48
CA LYS A 349 -21.44 12.46 -13.64
C LYS A 349 -20.43 12.25 -14.75
N ARG A 350 -19.14 12.35 -14.42
CA ARG A 350 -18.11 12.16 -15.43
C ARG A 350 -18.19 10.79 -16.07
N ALA A 351 -18.47 9.76 -15.27
CA ALA A 351 -18.58 8.40 -15.79
C ALA A 351 -19.67 8.34 -16.86
N ASP A 352 -20.76 9.04 -16.62
CA ASP A 352 -21.88 9.04 -17.57
C ASP A 352 -21.52 9.58 -18.94
N GLN A 353 -20.39 10.28 -19.06
CA GLN A 353 -19.99 10.82 -20.34
C GLN A 353 -18.91 10.00 -21.03
N VAL A 354 -18.52 8.90 -20.41
CA VAL A 354 -17.50 8.01 -20.97
C VAL A 354 -18.17 6.93 -21.81
N THR A 355 -17.75 6.79 -23.06
CA THR A 355 -18.33 5.77 -23.95
C THR A 355 -17.56 4.46 -23.86
N GLY A 356 -18.18 3.39 -24.37
CA GLY A 356 -17.52 2.09 -24.37
C GLY A 356 -16.21 2.15 -25.12
N ARG A 357 -16.22 2.78 -26.30
CA ARG A 357 -15.01 2.89 -27.10
C ARG A 357 -13.94 3.68 -26.37
N ALA A 358 -14.34 4.77 -25.71
CA ALA A 358 -13.40 5.61 -24.96
C ALA A 358 -12.73 4.83 -23.83
N PHE A 359 -13.54 4.07 -23.07
CA PHE A 359 -13.03 3.27 -21.96
C PHE A 359 -12.01 2.26 -22.49
N ALA A 360 -12.37 1.58 -23.58
CA ALA A 360 -11.48 0.58 -24.17
C ALA A 360 -10.16 1.23 -24.62
N ALA A 361 -10.26 2.43 -25.20
CA ALA A 361 -9.06 3.13 -25.66
C ALA A 361 -8.14 3.50 -24.49
N CYS A 362 -8.74 3.91 -23.38
CA CYS A 362 -7.96 4.28 -22.20
C CYS A 362 -7.18 3.09 -21.67
N VAL A 363 -7.82 1.93 -21.66
CA VAL A 363 -7.13 0.72 -21.18
C VAL A 363 -5.96 0.42 -22.11
N ASP A 364 -6.16 0.56 -23.41
CA ASP A 364 -5.08 0.30 -24.36
C ASP A 364 -3.91 1.24 -24.10
N GLU A 365 -4.22 2.50 -23.77
CA GLU A 365 -3.17 3.47 -23.50
C GLU A 365 -2.31 3.03 -22.31
N LEU A 366 -2.94 2.38 -21.33
CA LEU A 366 -2.20 1.90 -20.18
C LEU A 366 -1.26 0.77 -20.59
N ARG A 367 -1.76 -0.14 -21.43
CA ARG A 367 -0.94 -1.27 -21.87
C ARG A 367 0.26 -0.75 -22.67
N TYR A 368 0.02 0.24 -23.54
CA TYR A 368 1.10 0.77 -24.33
C TYR A 368 2.16 1.44 -23.46
N TYR A 369 1.72 2.18 -22.45
CA TYR A 369 2.67 2.85 -21.56
C TYR A 369 3.46 1.80 -20.79
N ALA A 370 2.77 0.77 -20.30
CA ALA A 370 3.42 -0.31 -19.57
C ALA A 370 4.57 -0.85 -20.41
N GLY A 371 4.31 -1.05 -21.69
CA GLY A 371 5.35 -1.56 -22.57
C GLY A 371 6.56 -0.65 -22.64
N LYS A 372 6.31 0.65 -22.78
CA LYS A 372 7.42 1.60 -22.87
C LYS A 372 8.26 1.53 -21.61
N VAL A 373 7.61 1.44 -20.46
CA VAL A 373 8.33 1.36 -19.19
C VAL A 373 9.16 0.08 -19.08
N GLU A 374 8.52 -1.06 -19.31
CA GLU A 374 9.20 -2.35 -19.18
C GLU A 374 10.38 -2.55 -20.13
N ARG A 375 10.37 -1.88 -21.27
CA ARG A 375 11.46 -2.01 -22.23
C ARG A 375 12.82 -1.62 -21.68
N TRP A 376 12.83 -0.83 -20.60
CA TRP A 376 14.08 -0.40 -19.97
C TRP A 376 14.76 -1.60 -19.32
N TRP A 377 13.95 -2.47 -18.71
CA TRP A 377 14.48 -3.67 -18.06
C TRP A 377 14.86 -4.68 -19.13
N GLU A 378 14.09 -4.69 -20.22
CA GLU A 378 14.32 -5.56 -21.36
C GLU A 378 15.71 -5.29 -21.92
N ALA A 379 16.08 -4.01 -21.94
CA ALA A 379 17.37 -3.57 -22.47
C ALA A 379 18.57 -3.92 -21.60
N GLY A 380 18.34 -4.58 -20.47
CA GLY A 380 19.47 -4.96 -19.63
C GLY A 380 19.50 -4.45 -18.19
N TRP A 381 18.69 -3.45 -17.88
CA TRP A 381 18.67 -2.94 -16.52
C TRP A 381 17.90 -3.87 -15.60
N ASP A 382 18.38 -4.01 -14.37
CA ASP A 382 17.77 -4.88 -13.38
C ASP A 382 16.87 -4.15 -12.38
N LEU A 383 17.35 -3.02 -11.89
CA LEU A 383 16.62 -2.26 -10.88
C LEU A 383 16.67 -0.75 -11.06
N LEU A 384 15.61 -0.09 -10.63
CA LEU A 384 15.53 1.36 -10.67
C LEU A 384 15.40 1.78 -9.21
N ILE A 385 16.19 2.77 -8.80
CA ILE A 385 16.16 3.29 -7.45
C ILE A 385 15.66 4.73 -7.58
N LEU A 386 14.63 5.08 -6.82
CA LEU A 386 14.10 6.44 -6.86
C LEU A 386 13.32 6.70 -5.58
N PRO A 387 13.12 7.98 -5.23
CA PRO A 387 12.36 8.29 -4.02
C PRO A 387 10.96 7.73 -4.14
N THR A 388 10.34 7.32 -3.03
CA THR A 388 8.98 6.79 -3.12
C THR A 388 8.04 7.96 -3.38
N VAL A 389 8.21 9.05 -2.62
CA VAL A 389 7.37 10.24 -2.81
C VAL A 389 8.27 11.40 -3.24
N THR A 390 7.67 12.45 -3.80
CA THR A 390 8.48 13.57 -4.31
C THR A 390 8.43 14.88 -3.53
N ARG A 391 7.74 14.86 -2.39
CA ARG A 391 7.60 16.05 -1.56
C ARG A 391 7.63 15.73 -0.08
N GLN A 392 7.73 16.78 0.74
CA GLN A 392 7.71 16.63 2.18
C GLN A 392 6.29 16.19 2.53
N THR A 393 6.10 15.58 3.68
CA THR A 393 4.78 15.10 4.07
C THR A 393 3.83 16.26 4.40
N PRO A 394 2.64 16.25 3.79
CA PRO A 394 1.64 17.30 4.01
C PRO A 394 1.02 17.30 5.41
N GLU A 395 0.53 18.46 5.83
CA GLU A 395 -0.11 18.55 7.14
C GLU A 395 -1.54 18.05 6.98
N ILE A 396 -2.12 17.57 8.07
CA ILE A 396 -3.50 17.10 8.04
C ILE A 396 -4.36 18.24 7.50
N GLY A 397 -5.27 17.93 6.60
CA GLY A 397 -6.14 18.94 6.03
C GLY A 397 -5.67 19.54 4.72
N GLU A 398 -4.35 19.54 4.51
CA GLU A 398 -3.76 20.11 3.31
C GLU A 398 -4.26 19.54 1.98
N LEU A 399 -4.40 18.21 1.89
CA LEU A 399 -4.83 17.60 0.63
C LEU A 399 -6.34 17.46 0.41
N MET A 400 -7.14 17.72 1.45
CA MET A 400 -8.59 17.63 1.32
C MET A 400 -9.12 18.97 0.81
N LEU A 401 -9.69 18.94 -0.39
CA LEU A 401 -10.23 20.15 -1.02
C LEU A 401 -11.66 20.47 -0.60
N ALA A 402 -11.92 21.75 -0.36
CA ALA A 402 -13.25 22.21 0.05
C ALA A 402 -14.26 21.97 -1.06
N LYS A 403 -15.43 21.46 -0.69
CA LYS A 403 -16.49 21.19 -1.63
C LYS A 403 -16.66 22.30 -2.67
N GLY A 404 -16.23 23.51 -2.33
CA GLY A 404 -16.36 24.60 -3.28
C GLY A 404 -15.35 24.52 -4.39
N THR A 405 -14.17 24.02 -4.03
CA THR A 405 -13.04 23.88 -4.95
C THR A 405 -13.48 23.35 -6.31
N ASP A 406 -12.85 23.87 -7.35
CA ASP A 406 -13.17 23.48 -8.69
C ASP A 406 -12.00 22.81 -9.39
N LEU A 407 -12.01 21.48 -9.41
CA LEU A 407 -10.97 20.69 -10.07
C LEU A 407 -11.53 20.08 -11.36
N GLU A 408 -11.82 20.96 -12.32
CA GLU A 408 -12.40 20.58 -13.61
C GLU A 408 -11.73 19.45 -14.41
N GLY A 409 -12.47 18.35 -14.56
CA GLY A 409 -12.02 17.19 -15.34
C GLY A 409 -11.24 16.03 -14.76
N ARG A 410 -10.32 16.31 -13.85
CA ARG A 410 -9.50 15.23 -13.32
C ARG A 410 -9.58 14.92 -11.82
N GLN A 411 -9.15 13.71 -11.48
CA GLN A 411 -9.13 13.20 -10.12
C GLN A 411 -8.46 14.21 -9.18
N SER A 412 -9.02 14.38 -7.98
CA SER A 412 -8.47 15.32 -7.02
C SER A 412 -7.07 14.88 -6.57
N ALA A 413 -6.84 13.56 -6.58
CA ALA A 413 -5.55 13.01 -6.18
C ALA A 413 -4.48 13.21 -7.26
N PHE A 414 -4.91 13.59 -8.45
CA PHE A 414 -3.98 13.80 -9.56
C PHE A 414 -3.63 15.26 -9.80
N ILE A 415 -3.92 16.13 -8.83
CA ILE A 415 -3.61 17.55 -8.99
C ILE A 415 -2.64 18.07 -7.94
N SER A 416 -1.89 19.09 -8.34
CA SER A 416 -0.89 19.77 -7.51
C SER A 416 -0.29 19.03 -6.30
N GLY A 417 -0.76 19.38 -5.12
CA GLY A 417 -0.28 18.80 -3.87
C GLY A 417 -0.38 17.30 -3.73
N SER A 418 -1.42 16.70 -4.31
CA SER A 418 -1.58 15.25 -4.25
C SER A 418 -0.75 14.60 -5.33
N LEU A 419 -0.65 15.24 -6.49
CA LEU A 419 0.12 14.69 -7.59
C LEU A 419 1.55 14.33 -7.15
N GLN A 420 2.17 15.22 -6.38
CA GLN A 420 3.54 14.97 -5.94
C GLN A 420 3.70 13.77 -5.00
N MET A 421 2.61 13.33 -4.39
CA MET A 421 2.67 12.17 -3.50
C MET A 421 2.74 10.88 -4.32
N LEU A 422 2.07 10.85 -5.46
CA LEU A 422 2.02 9.64 -6.28
C LEU A 422 2.71 9.63 -7.64
N ALA A 423 3.36 10.73 -8.02
CA ALA A 423 4.01 10.80 -9.33
C ALA A 423 5.08 9.73 -9.57
N PHE A 424 5.82 9.35 -8.54
CA PHE A 424 6.87 8.33 -8.68
C PHE A 424 6.39 6.90 -8.38
N THR A 425 5.13 6.73 -7.98
CA THR A 425 4.62 5.39 -7.69
C THR A 425 3.63 4.89 -8.74
N VAL A 426 2.80 5.78 -9.24
CA VAL A 426 1.78 5.39 -10.22
C VAL A 426 2.28 4.73 -11.52
N PRO A 427 3.46 5.12 -12.02
CA PRO A 427 3.89 4.47 -13.27
C PRO A 427 3.99 2.94 -13.15
N PHE A 428 4.30 2.45 -11.96
CA PHE A 428 4.46 1.02 -11.75
C PHE A 428 3.16 0.27 -11.49
N ASN A 429 2.08 1.01 -11.24
CA ASN A 429 0.78 0.37 -11.09
C ASN A 429 0.39 0.08 -12.54
N VAL A 430 0.77 0.99 -13.44
CA VAL A 430 0.44 0.79 -14.86
C VAL A 430 1.27 -0.33 -15.47
N SER A 431 2.57 -0.39 -15.16
CA SER A 431 3.40 -1.45 -15.74
C SER A 431 3.21 -2.78 -15.02
N GLY A 432 2.78 -2.73 -13.76
CA GLY A 432 2.55 -3.95 -13.00
C GLY A 432 3.82 -4.53 -12.37
N GLN A 433 4.93 -3.80 -12.44
CA GLN A 433 6.18 -4.28 -11.88
C GLN A 433 6.22 -4.20 -10.36
N PRO A 434 6.93 -5.14 -9.72
CA PRO A 434 7.02 -5.16 -8.26
C PRO A 434 7.83 -3.94 -7.81
N ALA A 435 7.33 -3.25 -6.79
CA ALA A 435 8.01 -2.05 -6.31
C ALA A 435 7.86 -1.97 -4.80
N ILE A 436 8.98 -1.75 -4.11
CA ILE A 436 8.94 -1.70 -2.66
C ILE A 436 9.50 -0.39 -2.12
N SER A 437 8.89 0.11 -1.05
CA SER A 437 9.37 1.33 -0.41
C SER A 437 10.06 0.90 0.89
N LEU A 438 11.30 1.32 1.08
CA LEU A 438 12.07 0.99 2.27
C LEU A 438 12.26 2.28 3.08
N PRO A 439 12.06 2.22 4.41
CA PRO A 439 12.20 3.39 5.28
C PRO A 439 13.65 3.76 5.59
N ILE A 440 14.37 4.13 4.54
CA ILE A 440 15.80 4.47 4.65
C ILE A 440 16.12 5.92 5.02
N GLY A 441 15.23 6.85 4.69
CA GLY A 441 15.51 8.24 4.98
C GLY A 441 14.63 8.93 6.01
N MET A 442 15.07 10.12 6.40
CA MET A 442 14.35 10.96 7.35
C MET A 442 14.57 12.41 6.91
N SER A 443 13.52 13.22 7.00
CA SER A 443 13.60 14.63 6.62
C SER A 443 14.33 15.38 7.72
N SER A 444 14.75 16.61 7.44
CA SER A 444 15.46 17.40 8.43
C SER A 444 14.55 17.75 9.62
N ASP A 445 13.23 17.61 9.44
CA ASP A 445 12.34 17.91 10.55
C ASP A 445 11.71 16.65 11.14
N GLY A 446 12.44 15.54 11.01
CA GLY A 446 12.04 14.26 11.59
C GLY A 446 10.95 13.40 10.98
N MET A 447 10.60 13.63 9.71
CA MET A 447 9.56 12.85 9.06
C MET A 447 10.20 11.79 8.15
N PRO A 448 9.68 10.56 8.18
CA PRO A 448 10.23 9.48 7.35
C PRO A 448 10.18 9.76 5.84
N ILE A 449 11.22 9.32 5.15
CA ILE A 449 11.34 9.47 3.69
C ILE A 449 11.66 8.08 3.14
N GLY A 450 10.79 7.55 2.29
CA GLY A 450 11.03 6.23 1.74
C GLY A 450 11.85 6.24 0.46
N VAL A 451 12.57 5.13 0.23
CA VAL A 451 13.36 4.97 -0.98
C VAL A 451 12.70 3.79 -1.71
N GLN A 452 12.40 3.99 -2.99
CA GLN A 452 11.72 2.98 -3.79
C GLN A 452 12.65 2.19 -4.70
N ILE A 453 12.41 0.89 -4.80
CA ILE A 453 13.20 0.02 -5.66
C ILE A 453 12.19 -0.71 -6.55
N VAL A 454 12.46 -0.75 -7.85
CA VAL A 454 11.57 -1.41 -8.80
C VAL A 454 12.35 -2.46 -9.61
N ALA A 455 11.82 -3.67 -9.65
CA ALA A 455 12.46 -4.76 -10.39
C ALA A 455 11.59 -5.14 -11.60
N ALA A 456 12.12 -6.02 -12.45
CA ALA A 456 11.37 -6.44 -13.63
C ALA A 456 10.11 -7.21 -13.22
N TYR A 457 9.13 -7.24 -14.12
CA TYR A 457 7.86 -7.95 -13.89
C TYR A 457 8.11 -9.34 -13.33
N GLY A 458 7.52 -9.63 -12.17
CA GLY A 458 7.66 -10.93 -11.54
C GLY A 458 8.93 -11.22 -10.76
N ARG A 459 9.85 -10.26 -10.69
CA ARG A 459 11.11 -10.51 -9.98
C ARG A 459 11.20 -10.04 -8.52
N GLU A 460 10.21 -10.39 -7.71
CA GLU A 460 10.24 -10.05 -6.30
C GLU A 460 11.45 -10.71 -5.65
N ASP A 461 11.89 -11.83 -6.20
CA ASP A 461 13.05 -12.52 -5.64
C ASP A 461 14.27 -11.59 -5.62
N LEU A 462 14.57 -10.96 -6.74
CA LEU A 462 15.71 -10.05 -6.82
C LEU A 462 15.45 -8.82 -5.97
N LEU A 463 14.22 -8.33 -6.04
CA LEU A 463 13.84 -7.15 -5.27
C LEU A 463 14.05 -7.34 -3.78
N LEU A 464 13.56 -8.45 -3.23
CA LEU A 464 13.69 -8.71 -1.80
C LEU A 464 15.14 -8.97 -1.43
N GLN A 465 15.91 -9.48 -2.38
CA GLN A 465 17.32 -9.75 -2.13
C GLN A 465 18.08 -8.44 -1.95
N VAL A 466 17.85 -7.49 -2.86
CA VAL A 466 18.53 -6.20 -2.76
C VAL A 466 17.98 -5.38 -1.59
N ALA A 467 16.69 -5.56 -1.31
CA ALA A 467 16.08 -4.83 -0.21
C ALA A 467 16.77 -5.30 1.07
N ALA A 468 17.06 -6.59 1.14
CA ALA A 468 17.71 -7.16 2.33
C ALA A 468 19.11 -6.56 2.48
N GLN A 469 19.80 -6.36 1.37
CA GLN A 469 21.15 -5.78 1.42
C GLN A 469 21.10 -4.34 1.94
N LEU A 470 20.11 -3.59 1.50
CA LEU A 470 19.97 -2.20 1.94
C LEU A 470 19.57 -2.12 3.41
N GLU A 471 18.78 -3.10 3.84
CA GLU A 471 18.34 -3.17 5.22
C GLU A 471 19.56 -3.38 6.12
N GLY A 472 20.57 -4.08 5.59
CA GLY A 472 21.77 -4.33 6.35
C GLY A 472 22.78 -3.20 6.28
N ALA A 473 22.78 -2.48 5.17
CA ALA A 473 23.70 -1.36 4.97
C ALA A 473 23.19 -0.08 5.63
N LEU A 474 21.88 0.10 5.63
CA LEU A 474 21.27 1.29 6.20
C LEU A 474 20.12 0.92 7.12
N PRO A 475 20.39 0.10 8.15
CA PRO A 475 19.36 -0.32 9.10
C PRO A 475 18.52 0.84 9.63
N TRP A 476 17.22 0.60 9.77
CA TRP A 476 16.28 1.62 10.22
C TRP A 476 15.55 1.24 11.51
N VAL A 477 15.62 -0.03 11.88
CA VAL A 477 14.93 -0.53 13.07
C VAL A 477 15.18 0.29 14.34
N ALA A 478 16.32 0.97 14.42
CA ALA A 478 16.65 1.77 15.60
C ALA A 478 15.76 2.98 15.77
N ARG A 479 15.20 3.47 14.66
CA ARG A 479 14.33 4.65 14.71
C ARG A 479 12.88 4.32 15.06
N ARG A 480 12.29 5.15 15.92
CA ARG A 480 10.90 4.97 16.34
C ARG A 480 10.16 6.31 16.40
N PRO A 481 8.86 6.30 16.08
CA PRO A 481 8.11 7.56 16.12
C PRO A 481 8.00 8.06 17.56
N GLN A 482 7.89 9.38 17.74
CA GLN A 482 7.79 9.97 19.06
C GLN A 482 6.58 9.48 19.84
N LEU A 483 5.55 9.04 19.11
CA LEU A 483 4.34 8.53 19.74
C LEU A 483 4.72 7.41 20.71
N LEU A 484 5.78 6.69 20.37
CA LEU A 484 6.26 5.59 21.19
C LEU A 484 7.44 6.04 22.06
N ASN A 485 7.41 7.32 22.44
CA ASN A 485 8.44 7.93 23.27
C ASN A 485 9.77 8.07 22.52
#